data_4K8Y
#
_entry.id   4K8Y
#
_cell.length_a   31.927
_cell.length_b   75.747
_cell.length_c   39.743
_cell.angle_alpha   90.00
_cell.angle_beta   95.73
_cell.angle_gamma   90.00
#
_symmetry.space_group_name_H-M   'P 1 21 1'
#
loop_
_entity.id
_entity.type
_entity.pdbx_description
1 polymer Kallikrein-4
2 polymer 'Trypsin inhibitor 1'
3 water water
#
loop_
_entity_poly.entity_id
_entity_poly.type
_entity_poly.pdbx_seq_one_letter_code
_entity_poly.pdbx_strand_id
1 'polypeptide(L)'
;IINGEDCSPHSQPWQAALVMENELFCSGVLVHPQWVLSAAHCFQNSYTIGLGLHSLEADQEPGSQMVEASLSVRHPEYNR
PLLANDLMLIKLDESVSESDTIRSISIASQCPTAGNSCLVSGWGLLANGRMPTVLQCVNVSVVSEEVCSKLYDPLYHPSM
FCAGGGQDQKDSCNGDSGGPLICNGYLQGLVSFGKAPCGQVGVPGVYTNLCKFTEWIEKTVQA
;
A
2 'polypeptide(L)' GRCTKSIPPICFPD B
#
# COMPACT_ATOMS: atom_id res chain seq x y z
N ILE A 1 4.82 -9.61 2.27
CA ILE A 1 5.88 -9.02 3.08
C ILE A 1 6.99 -10.04 3.28
N ILE A 2 8.19 -9.71 2.78
CA ILE A 2 9.36 -10.56 2.86
C ILE A 2 10.13 -10.29 4.15
N ASN A 3 10.34 -11.34 4.93
CA ASN A 3 11.13 -11.30 6.17
C ASN A 3 10.57 -10.40 7.25
N GLY A 4 9.24 -10.35 7.30
CA GLY A 4 8.56 -9.70 8.41
C GLY A 4 8.06 -10.72 9.41
N GLU A 5 7.06 -10.32 10.19
N GLU A 5 7.05 -10.34 10.17
CA GLU A 5 6.44 -11.16 11.20
CA GLU A 5 6.42 -11.22 11.14
C GLU A 5 4.96 -10.83 11.23
C GLU A 5 4.97 -10.79 11.30
N ASP A 6 4.19 -11.61 11.98
CA ASP A 6 2.78 -11.27 12.22
C ASP A 6 2.72 -9.88 12.85
N CYS A 7 1.86 -9.02 12.33
CA CYS A 7 1.55 -7.78 13.03
C CYS A 7 0.84 -8.14 14.33
N SER A 8 1.04 -7.32 15.37
CA SER A 8 0.19 -7.41 16.54
C SER A 8 -1.24 -7.22 16.07
N PRO A 9 -2.16 -8.10 16.46
CA PRO A 9 -3.52 -8.04 15.90
C PRO A 9 -4.18 -6.67 16.08
N HIS A 10 -4.71 -6.14 14.98
CA HIS A 10 -5.43 -4.86 14.98
C HIS A 10 -4.56 -3.64 15.34
N SER A 11 -3.24 -3.79 15.24
CA SER A 11 -2.32 -2.67 15.48
C SER A 11 -2.21 -1.73 14.28
N GLN A 12 -2.69 -2.17 13.12
CA GLN A 12 -2.70 -1.35 11.90
C GLN A 12 -4.15 -1.21 11.41
N PRO A 13 -5.00 -0.51 12.18
CA PRO A 13 -6.45 -0.57 11.96
C PRO A 13 -6.94 0.18 10.71
N TRP A 14 -6.03 0.87 10.02
CA TRP A 14 -6.31 1.49 8.73
C TRP A 14 -6.13 0.51 7.57
N GLN A 15 -5.60 -0.69 7.82
CA GLN A 15 -5.32 -1.60 6.72
C GLN A 15 -6.62 -2.05 6.06
N ALA A 16 -6.68 -1.98 4.72
CA ALA A 16 -7.84 -2.45 3.96
C ALA A 16 -7.40 -3.55 3.00
N ALA A 17 -8.16 -4.64 2.94
CA ALA A 17 -7.94 -5.70 1.94
C ALA A 17 -8.83 -5.43 0.73
N LEU A 18 -8.23 -5.44 -0.45
CA LEU A 18 -9.00 -5.32 -1.69
C LEU A 18 -9.15 -6.71 -2.26
N VAL A 19 -10.39 -7.18 -2.29
N VAL A 19 -10.37 -7.22 -2.26
CA VAL A 19 -10.70 -8.58 -2.60
CA VAL A 19 -10.61 -8.57 -2.77
C VAL A 19 -11.82 -8.65 -3.63
C VAL A 19 -11.64 -8.53 -3.88
N MET A 20 -11.58 -9.36 -4.74
N MET A 20 -11.56 -9.49 -4.78
CA MET A 20 -12.65 -9.65 -5.67
CA MET A 20 -12.64 -9.68 -5.74
C MET A 20 -12.74 -11.16 -5.90
C MET A 20 -12.74 -11.16 -6.05
N GLU A 21 -13.97 -11.64 -6.09
CA GLU A 21 -14.23 -13.07 -6.22
C GLU A 21 -13.51 -13.83 -5.11
N ASN A 22 -13.55 -13.26 -3.90
CA ASN A 22 -13.01 -13.87 -2.69
C ASN A 22 -11.48 -14.04 -2.64
N GLU A 23 -10.75 -13.29 -3.45
CA GLU A 23 -9.29 -13.36 -3.45
C GLU A 23 -8.65 -11.99 -3.41
N LEU A 24 -7.67 -11.83 -2.52
CA LEU A 24 -6.96 -10.57 -2.40
C LEU A 24 -6.12 -10.29 -3.64
N PHE A 25 -6.16 -9.05 -4.10
CA PHE A 25 -5.29 -8.62 -5.20
C PHE A 25 -4.43 -7.40 -4.84
N CYS A 26 -4.82 -6.65 -3.82
CA CYS A 26 -4.10 -5.47 -3.33
C CYS A 26 -4.58 -5.18 -1.92
N SER A 27 -3.91 -4.24 -1.27
CA SER A 27 -4.45 -3.59 -0.09
C SER A 27 -4.75 -2.13 -0.38
N GLY A 28 -5.29 -1.47 0.64
CA GLY A 28 -5.47 -0.03 0.64
C GLY A 28 -5.34 0.44 2.08
N VAL A 29 -5.57 1.74 2.26
CA VAL A 29 -5.39 2.37 3.56
C VAL A 29 -6.57 3.30 3.82
N LEU A 30 -7.28 3.08 4.93
CA LEU A 30 -8.38 3.95 5.32
C LEU A 30 -7.81 5.30 5.73
N VAL A 31 -8.16 6.35 4.99
CA VAL A 31 -7.68 7.69 5.32
C VAL A 31 -8.79 8.64 5.82
N HIS A 32 -10.03 8.31 5.53
CA HIS A 32 -11.18 8.97 6.15
C HIS A 32 -12.28 7.92 6.24
N PRO A 33 -13.34 8.17 7.02
CA PRO A 33 -14.36 7.10 7.17
C PRO A 33 -14.97 6.56 5.87
N GLN A 34 -15.02 7.37 4.81
CA GLN A 34 -15.61 6.89 3.56
C GLN A 34 -14.57 6.69 2.44
N TRP A 35 -13.28 6.74 2.79
CA TRP A 35 -12.24 6.85 1.77
C TRP A 35 -11.04 5.96 2.03
N VAL A 36 -10.77 5.09 1.06
CA VAL A 36 -9.62 4.19 1.10
C VAL A 36 -8.66 4.58 -0.01
N LEU A 37 -7.43 4.87 0.38
CA LEU A 37 -6.37 5.17 -0.56
C LEU A 37 -5.72 3.87 -1.00
N SER A 38 -5.42 3.74 -2.28
CA SER A 38 -4.67 2.57 -2.77
C SER A 38 -3.83 2.99 -3.96
N ALA A 39 -3.06 2.06 -4.49
CA ALA A 39 -2.30 2.34 -5.71
C ALA A 39 -3.27 2.41 -6.89
N ALA A 40 -3.04 3.34 -7.81
CA ALA A 40 -3.87 3.39 -9.03
C ALA A 40 -3.79 2.12 -9.87
N HIS A 41 -2.66 1.41 -9.80
CA HIS A 41 -2.57 0.17 -10.55
C HIS A 41 -3.46 -0.95 -10.00
N CYS A 42 -4.05 -0.71 -8.83
CA CYS A 42 -5.02 -1.63 -8.24
C CYS A 42 -6.46 -1.33 -8.67
N PHE A 43 -6.63 -0.35 -9.57
CA PHE A 43 -7.96 0.04 -10.04
C PHE A 43 -8.76 -1.14 -10.57
N GLN A 44 -10.03 -1.23 -10.16
CA GLN A 44 -10.98 -2.16 -10.75
C GLN A 44 -12.31 -1.43 -10.87
N ASN A 45 -13.24 -1.98 -11.63
CA ASN A 45 -14.59 -1.42 -11.82
CA ASN A 45 -14.52 -1.30 -11.78
C ASN A 45 -15.36 -1.29 -10.51
N SER A 46 -15.14 -2.26 -9.63
CA SER A 46 -15.79 -2.26 -8.33
C SER A 46 -14.94 -3.04 -7.33
N TYR A 47 -15.24 -2.88 -6.04
CA TYR A 47 -14.43 -3.48 -4.98
C TYR A 47 -15.29 -4.05 -3.86
N THR A 48 -14.72 -5.06 -3.21
CA THR A 48 -15.18 -5.50 -1.90
C THR A 48 -14.00 -5.29 -0.99
N ILE A 49 -14.18 -4.48 0.05
CA ILE A 49 -13.08 -4.04 0.88
C ILE A 49 -13.22 -4.57 2.29
N GLY A 50 -12.19 -5.25 2.75
CA GLY A 50 -12.18 -5.82 4.09
C GLY A 50 -11.46 -4.93 5.08
N LEU A 51 -12.18 -4.47 6.09
CA LEU A 51 -11.64 -3.61 7.14
C LEU A 51 -11.72 -4.32 8.50
N GLY A 52 -10.77 -4.02 9.37
CA GLY A 52 -10.73 -4.62 10.69
C GLY A 52 -10.22 -6.05 10.72
N LEU A 53 -9.54 -6.45 9.66
CA LEU A 53 -9.09 -7.84 9.53
C LEU A 53 -7.74 -8.09 10.20
N HIS A 54 -7.46 -9.38 10.39
CA HIS A 54 -6.14 -9.83 10.78
C HIS A 54 -5.85 -11.02 9.85
N SER A 55 -6.61 -12.11 10.00
CA SER A 55 -6.75 -13.06 8.90
CA SER A 55 -6.76 -13.06 8.90
C SER A 55 -7.68 -12.41 7.87
N LEU A 56 -7.72 -12.96 6.65
CA LEU A 56 -8.53 -12.39 5.57
C LEU A 56 -9.98 -12.85 5.58
N GLU A 57 -10.31 -13.76 6.49
CA GLU A 57 -11.65 -14.30 6.54
C GLU A 57 -12.52 -13.53 7.51
N ALA A 58 -13.36 -12.65 6.97
CA ALA A 58 -14.16 -11.74 7.78
C ALA A 58 -15.04 -12.46 8.79
N ASP A 59 -15.54 -13.63 8.43
CA ASP A 59 -16.42 -14.40 9.31
C ASP A 59 -15.68 -14.96 10.52
N GLN A 60 -14.35 -14.82 10.52
CA GLN A 60 -13.50 -15.23 11.65
C GLN A 60 -12.94 -14.04 12.42
N GLU A 61 -13.35 -12.83 12.05
CA GLU A 61 -12.78 -11.62 12.63
C GLU A 61 -13.83 -10.68 13.21
N PRO A 62 -14.09 -10.81 14.53
CA PRO A 62 -15.03 -9.91 15.19
C PRO A 62 -14.65 -8.45 14.96
N GLY A 63 -15.66 -7.62 14.72
CA GLY A 63 -15.44 -6.21 14.47
C GLY A 63 -15.10 -5.87 13.03
N SER A 64 -14.88 -6.89 12.20
CA SER A 64 -14.54 -6.61 10.81
C SER A 64 -15.76 -6.22 9.97
N GLN A 65 -15.48 -5.57 8.83
CA GLN A 65 -16.50 -5.21 7.85
C GLN A 65 -16.04 -5.50 6.43
N MET A 66 -16.93 -6.05 5.61
N MET A 66 -16.94 -6.05 5.61
CA MET A 66 -16.71 -6.18 4.17
CA MET A 66 -16.73 -6.18 4.18
C MET A 66 -17.61 -5.20 3.45
C MET A 66 -17.58 -5.14 3.47
N VAL A 67 -17.04 -4.06 3.06
N VAL A 67 -16.93 -4.09 3.00
CA VAL A 67 -17.80 -2.95 2.49
CA VAL A 67 -17.62 -2.92 2.47
C VAL A 67 -17.67 -2.92 0.98
C VAL A 67 -17.52 -2.84 0.95
N GLU A 68 -18.77 -2.63 0.29
N GLU A 68 -18.67 -2.70 0.28
CA GLU A 68 -18.74 -2.53 -1.17
CA GLU A 68 -18.67 -2.56 -1.17
C GLU A 68 -18.33 -1.12 -1.58
C GLU A 68 -18.33 -1.14 -1.59
N ALA A 69 -17.69 -1.02 -2.75
CA ALA A 69 -17.35 0.27 -3.33
C ALA A 69 -17.36 0.16 -4.85
N SER A 70 -17.99 1.12 -5.53
CA SER A 70 -18.03 1.12 -6.99
C SER A 70 -17.24 2.27 -7.57
N LEU A 71 -17.10 3.35 -6.80
CA LEU A 71 -16.49 4.56 -7.32
C LEU A 71 -15.05 4.66 -6.86
N SER A 72 -14.14 4.88 -7.79
CA SER A 72 -12.79 5.27 -7.39
C SER A 72 -12.26 6.35 -8.31
N VAL A 73 -11.39 7.17 -7.76
CA VAL A 73 -10.84 8.32 -8.46
C VAL A 73 -9.33 8.10 -8.59
N ARG A 74 -8.90 7.69 -9.77
CA ARG A 74 -7.49 7.57 -10.06
C ARG A 74 -6.88 8.95 -10.13
N HIS A 75 -5.64 9.11 -9.67
CA HIS A 75 -4.97 10.37 -9.93
C HIS A 75 -4.96 10.59 -11.44
N PRO A 76 -5.33 11.79 -11.91
CA PRO A 76 -5.47 11.96 -13.36
C PRO A 76 -4.18 11.79 -14.14
N GLU A 77 -3.05 11.92 -13.44
N GLU A 77 -3.04 11.89 -13.48
CA GLU A 77 -1.73 11.82 -14.05
CA GLU A 77 -1.79 11.70 -14.21
C GLU A 77 -1.08 10.45 -13.87
C GLU A 77 -1.05 10.45 -13.79
N TYR A 78 -1.82 9.49 -13.30
CA TYR A 78 -1.30 8.15 -13.09
C TYR A 78 -0.72 7.62 -14.41
N ASN A 79 0.52 7.12 -14.35
CA ASN A 79 1.18 6.49 -15.50
C ASN A 79 1.55 7.45 -16.61
N ARG A 80 1.47 8.74 -16.37
N ARG A 80 1.44 8.75 -16.31
CA ARG A 80 1.93 9.69 -17.36
CA ARG A 80 1.86 9.83 -17.19
C ARG A 80 2.83 10.66 -16.61
C ARG A 80 2.86 10.68 -16.43
N PRO A 81 4.15 10.32 -16.47
CA PRO A 81 4.84 9.21 -17.15
C PRO A 81 4.72 7.87 -16.43
N LEU A 82 5.23 6.82 -17.07
CA LEU A 82 5.00 5.45 -16.60
C LEU A 82 5.40 5.24 -15.15
N LEU A 83 4.47 4.62 -14.43
CA LEU A 83 4.60 4.27 -13.01
C LEU A 83 4.48 5.44 -12.03
N ALA A 84 4.46 6.67 -12.55
CA ALA A 84 4.32 7.84 -11.70
C ALA A 84 2.89 8.04 -11.22
N ASN A 85 2.75 8.79 -10.12
CA ASN A 85 1.45 9.21 -9.62
C ASN A 85 0.54 8.01 -9.36
N ASP A 86 1.10 7.01 -8.71
CA ASP A 86 0.41 5.73 -8.50
C ASP A 86 -0.46 5.75 -7.25
N LEU A 87 -1.58 6.45 -7.34
CA LEU A 87 -2.55 6.50 -6.26
C LEU A 87 -3.95 6.72 -6.80
N MET A 88 -4.91 6.22 -6.04
CA MET A 88 -6.32 6.42 -6.29
C MET A 88 -7.05 6.46 -4.95
N LEU A 89 -8.22 7.09 -4.97
CA LEU A 89 -9.11 7.10 -3.83
C LEU A 89 -10.37 6.31 -4.13
N ILE A 90 -10.64 5.31 -3.29
CA ILE A 90 -11.84 4.51 -3.40
C ILE A 90 -12.88 5.08 -2.44
N LYS A 91 -14.06 5.44 -2.97
CA LYS A 91 -15.15 5.92 -2.14
C LYS A 91 -16.00 4.73 -1.73
N LEU A 92 -16.02 4.44 -0.43
CA LEU A 92 -16.84 3.38 0.09
C LEU A 92 -18.30 3.71 -0.14
N ASP A 93 -19.14 2.69 -0.34
CA ASP A 93 -20.56 2.91 -0.58
C ASP A 93 -21.20 3.64 0.59
N GLU A 94 -20.69 3.40 1.78
CA GLU A 94 -21.10 4.17 2.94
C GLU A 94 -19.91 4.27 3.90
N SER A 95 -19.89 5.35 4.68
CA SER A 95 -18.83 5.56 5.65
C SER A 95 -18.81 4.42 6.64
N VAL A 96 -17.61 4.03 7.06
N VAL A 96 -17.61 4.04 7.07
CA VAL A 96 -17.47 3.05 8.10
CA VAL A 96 -17.47 3.02 8.11
C VAL A 96 -17.71 3.74 9.44
C VAL A 96 -17.43 3.64 9.50
N SER A 97 -18.01 2.95 10.47
CA SER A 97 -18.06 3.44 11.83
C SER A 97 -16.73 3.09 12.45
N GLU A 98 -15.90 4.09 12.68
N GLU A 98 -15.90 4.10 12.69
CA GLU A 98 -14.57 3.83 13.22
CA GLU A 98 -14.59 3.86 13.25
C GLU A 98 -14.70 3.26 14.63
C GLU A 98 -14.71 3.24 14.64
N SER A 99 -13.78 2.34 14.93
CA SER A 99 -13.87 1.52 16.13
C SER A 99 -12.48 1.23 16.65
N ASP A 100 -12.40 0.33 17.61
CA ASP A 100 -11.10 -0.09 18.13
C ASP A 100 -10.26 -0.79 17.07
N THR A 101 -10.90 -1.32 16.04
CA THR A 101 -10.19 -2.11 15.04
C THR A 101 -10.25 -1.56 13.62
N ILE A 102 -10.99 -0.46 13.43
CA ILE A 102 -11.11 0.20 12.13
C ILE A 102 -10.93 1.70 12.35
N ARG A 103 -9.83 2.25 11.86
CA ARG A 103 -9.52 3.65 12.13
C ARG A 103 -8.74 4.22 10.96
N SER A 104 -9.02 5.48 10.64
CA SER A 104 -8.25 6.16 9.61
CA SER A 104 -8.27 6.20 9.61
C SER A 104 -6.90 6.62 10.14
N ILE A 105 -5.95 6.78 9.24
CA ILE A 105 -4.62 7.25 9.58
C ILE A 105 -4.32 8.59 8.91
N SER A 106 -3.68 9.49 9.65
CA SER A 106 -3.20 10.76 9.10
C SER A 106 -2.11 10.56 8.05
N ILE A 107 -2.17 11.34 6.99
CA ILE A 107 -1.20 11.29 5.91
C ILE A 107 -0.07 12.28 6.17
N ALA A 108 1.17 11.83 5.94
CA ALA A 108 2.35 12.67 6.11
C ALA A 108 2.25 13.95 5.28
N SER A 109 2.47 15.08 5.93
CA SER A 109 2.57 16.35 5.22
C SER A 109 4.01 16.62 4.77
N GLN A 110 4.96 16.03 5.47
CA GLN A 110 6.36 16.21 5.16
C GLN A 110 6.90 15.00 4.44
N CYS A 111 7.88 15.23 3.59
CA CYS A 111 8.36 14.21 2.69
C CYS A 111 9.34 13.25 3.38
N PRO A 112 9.65 12.11 2.74
CA PRO A 112 10.41 11.07 3.43
C PRO A 112 11.83 11.48 3.78
N THR A 113 12.28 11.06 4.96
CA THR A 113 13.62 11.36 5.44
C THR A 113 14.52 10.17 5.20
N ALA A 114 15.61 10.38 4.46
CA ALA A 114 16.55 9.31 4.18
C ALA A 114 17.04 8.69 5.48
N GLY A 115 17.05 7.36 5.53
CA GLY A 115 17.48 6.64 6.71
C GLY A 115 16.38 6.30 7.69
N ASN A 116 15.20 6.89 7.53
CA ASN A 116 14.10 6.58 8.43
C ASN A 116 13.68 5.11 8.31
N SER A 117 13.37 4.49 9.44
CA SER A 117 12.91 3.11 9.46
C SER A 117 11.39 3.13 9.60
N CYS A 118 10.72 2.64 8.56
CA CYS A 118 9.28 2.78 8.44
C CYS A 118 8.62 1.41 8.31
N LEU A 119 7.40 1.31 8.82
CA LEU A 119 6.68 0.05 8.84
C LEU A 119 5.83 -0.13 7.59
N VAL A 120 5.88 -1.33 7.02
N VAL A 120 5.89 -1.32 6.99
CA VAL A 120 5.03 -1.70 5.91
CA VAL A 120 5.00 -1.67 5.88
C VAL A 120 4.28 -2.95 6.36
C VAL A 120 4.30 -2.99 6.20
N SER A 121 3.00 -3.02 5.98
CA SER A 121 2.18 -4.17 6.32
C SER A 121 1.37 -4.68 5.13
N GLY A 122 1.08 -5.97 5.13
CA GLY A 122 0.29 -6.56 4.06
C GLY A 122 0.15 -8.07 4.14
N TRP A 123 -0.67 -8.59 3.23
CA TRP A 123 -0.93 -10.02 3.14
C TRP A 123 -0.26 -10.62 1.89
N GLY A 124 0.73 -9.93 1.34
CA GLY A 124 1.42 -10.39 0.15
C GLY A 124 2.42 -11.49 0.40
N LEU A 125 3.15 -11.86 -0.64
CA LEU A 125 4.06 -13.00 -0.57
C LEU A 125 5.08 -12.90 0.55
N LEU A 126 5.33 -14.07 1.16
CA LEU A 126 6.37 -14.22 2.17
C LEU A 126 7.67 -14.63 1.50
N ALA A 127 8.74 -14.61 2.29
CA ALA A 127 10.04 -15.08 1.85
C ALA A 127 9.98 -16.54 1.36
N ASN A 128 9.07 -17.34 1.91
CA ASN A 128 9.00 -18.75 1.56
C ASN A 128 8.14 -19.01 0.32
N GLY A 129 7.65 -17.94 -0.31
CA GLY A 129 6.87 -18.08 -1.53
C GLY A 129 5.39 -18.35 -1.29
N ARG A 130 4.97 -18.37 -0.04
N ARG A 130 5.00 -18.39 -0.04
CA ARG A 130 3.57 -18.59 0.28
CA ARG A 130 3.61 -18.63 0.34
C ARG A 130 2.89 -17.30 0.70
C ARG A 130 2.90 -17.31 0.64
N MET A 131 1.57 -17.35 0.78
N MET A 131 1.59 -17.41 0.86
CA MET A 131 0.77 -16.25 1.29
CA MET A 131 0.79 -16.27 1.30
C MET A 131 0.50 -16.50 2.77
C MET A 131 0.45 -16.49 2.76
N PRO A 132 0.60 -15.44 3.58
CA PRO A 132 0.36 -15.60 5.02
C PRO A 132 -1.12 -15.74 5.33
N THR A 133 -1.41 -16.29 6.51
CA THR A 133 -2.78 -16.31 7.02
C THR A 133 -3.15 -14.97 7.63
N VAL A 134 -2.20 -14.33 8.32
CA VAL A 134 -2.49 -13.06 8.98
C VAL A 134 -1.58 -11.94 8.50
N LEU A 135 -2.05 -10.72 8.74
CA LEU A 135 -1.35 -9.53 8.31
C LEU A 135 0.08 -9.51 8.83
N GLN A 136 1.03 -9.23 7.93
CA GLN A 136 2.45 -9.20 8.23
C GLN A 136 2.95 -7.76 8.31
N CYS A 137 3.95 -7.54 9.16
CA CYS A 137 4.57 -6.24 9.39
C CYS A 137 6.07 -6.39 9.26
N VAL A 138 6.70 -5.39 8.65
CA VAL A 138 8.15 -5.34 8.57
C VAL A 138 8.59 -3.88 8.51
N ASN A 139 9.81 -3.61 8.92
CA ASN A 139 10.35 -2.27 8.72
C ASN A 139 11.36 -2.26 7.59
N VAL A 140 11.35 -1.16 6.85
CA VAL A 140 12.31 -0.90 5.78
C VAL A 140 12.83 0.52 5.90
N SER A 141 14.05 0.73 5.40
N SER A 141 14.04 0.72 5.41
CA SER A 141 14.71 2.01 5.54
CA SER A 141 14.72 2.01 5.52
C SER A 141 14.58 2.87 4.29
C SER A 141 14.56 2.86 4.28
N VAL A 142 14.14 4.10 4.46
CA VAL A 142 14.04 5.04 3.34
C VAL A 142 15.44 5.29 2.77
N VAL A 143 15.53 5.25 1.45
CA VAL A 143 16.79 5.46 0.74
C VAL A 143 16.81 6.87 0.14
N SER A 144 18.01 7.43 0.01
CA SER A 144 18.18 8.75 -0.59
C SER A 144 17.62 8.81 -2.01
N GLU A 145 17.22 10.00 -2.40
CA GLU A 145 16.75 10.25 -3.75
C GLU A 145 17.83 9.91 -4.78
N GLU A 146 19.08 10.20 -4.45
CA GLU A 146 20.21 9.93 -5.33
C GLU A 146 20.30 8.46 -5.73
N VAL A 147 20.18 7.57 -4.73
CA VAL A 147 20.27 6.15 -4.98
C VAL A 147 19.03 5.61 -5.69
N CYS A 148 17.86 6.09 -5.29
CA CYS A 148 16.60 5.70 -5.94
C CYS A 148 16.68 6.04 -7.44
N SER A 149 17.18 7.24 -7.74
N SER A 149 17.18 7.23 -7.74
CA SER A 149 17.35 7.69 -9.11
CA SER A 149 17.31 7.66 -9.14
C SER A 149 18.25 6.77 -9.91
C SER A 149 18.26 6.78 -9.93
N LYS A 150 19.41 6.43 -9.35
CA LYS A 150 20.37 5.57 -10.03
C LYS A 150 19.77 4.23 -10.41
N LEU A 151 18.97 3.68 -9.52
CA LEU A 151 18.36 2.38 -9.74
C LEU A 151 17.21 2.42 -10.74
N TYR A 152 16.43 3.50 -10.72
CA TYR A 152 15.17 3.50 -11.45
C TYR A 152 15.07 4.47 -12.63
N ASP A 153 16.11 5.26 -12.86
N ASP A 153 16.10 5.27 -12.85
CA ASP A 153 16.21 6.11 -14.04
CA ASP A 153 16.16 6.11 -14.05
C ASP A 153 16.05 5.27 -15.32
C ASP A 153 16.00 5.25 -15.29
N PRO A 154 15.29 5.77 -16.31
CA PRO A 154 14.68 7.11 -16.37
C PRO A 154 13.23 7.14 -15.95
N LEU A 155 12.74 6.10 -15.26
CA LEU A 155 11.36 6.14 -14.82
C LEU A 155 11.18 6.76 -13.45
N TYR A 156 12.26 7.01 -12.74
N TYR A 156 12.27 7.00 -12.73
CA TYR A 156 12.18 7.65 -11.42
CA TYR A 156 12.14 7.65 -11.43
C TYR A 156 11.56 9.04 -11.53
C TYR A 156 11.49 9.01 -11.58
N HIS A 157 10.65 9.34 -10.61
CA HIS A 157 9.84 10.54 -10.66
C HIS A 157 9.60 10.97 -9.21
N PRO A 158 9.47 12.27 -8.95
CA PRO A 158 9.33 12.70 -7.54
C PRO A 158 8.05 12.25 -6.84
N SER A 159 7.10 11.70 -7.59
CA SER A 159 5.93 11.04 -6.98
C SER A 159 6.27 9.67 -6.40
N MET A 160 7.55 9.29 -6.43
CA MET A 160 8.02 8.00 -5.94
C MET A 160 9.08 8.24 -4.86
N PHE A 161 9.23 7.28 -3.96
CA PHE A 161 10.44 7.20 -3.14
C PHE A 161 10.79 5.74 -2.91
N CYS A 162 12.05 5.50 -2.56
CA CYS A 162 12.55 4.14 -2.39
C CYS A 162 12.74 3.82 -0.93
N ALA A 163 12.50 2.57 -0.57
CA ALA A 163 12.77 2.09 0.78
C ALA A 163 13.10 0.62 0.75
N GLY A 164 14.04 0.21 1.59
CA GLY A 164 14.46 -1.17 1.67
C GLY A 164 15.82 -1.41 1.05
N GLY A 165 16.01 -2.62 0.53
CA GLY A 165 17.27 -3.00 -0.10
C GLY A 165 18.33 -3.38 0.91
N GLY A 166 17.94 -3.57 2.17
CA GLY A 166 18.90 -3.91 3.20
C GLY A 166 19.47 -5.31 3.05
N GLN A 167 20.58 -5.58 3.73
CA GLN A 167 21.15 -6.91 3.76
C GLN A 167 20.16 -7.91 4.33
N ASP A 168 19.21 -7.40 5.11
CA ASP A 168 18.17 -8.21 5.75
C ASP A 168 17.11 -8.72 4.77
N GLN A 169 17.12 -8.19 3.54
CA GLN A 169 16.18 -8.59 2.50
C GLN A 169 14.71 -8.36 2.88
N LYS A 170 14.48 -7.41 3.77
CA LYS A 170 13.12 -7.04 4.14
CA LYS A 170 13.13 -7.03 4.14
C LYS A 170 12.51 -6.20 3.02
N ASP A 171 11.27 -6.51 2.66
CA ASP A 171 10.63 -5.86 1.52
C ASP A 171 9.14 -6.14 1.53
N SER A 172 8.41 -5.39 0.72
CA SER A 172 7.05 -5.72 0.34
C SER A 172 7.08 -6.51 -0.97
N CYS A 173 6.03 -7.28 -1.23
CA CYS A 173 6.02 -8.09 -2.45
C CYS A 173 4.59 -8.31 -2.95
N ASN A 174 4.40 -9.25 -3.87
CA ASN A 174 3.15 -9.37 -4.60
C ASN A 174 1.97 -9.62 -3.67
N GLY A 175 0.96 -8.76 -3.79
CA GLY A 175 -0.19 -8.74 -2.91
C GLY A 175 -0.15 -7.61 -1.90
N ASP A 176 1.03 -6.99 -1.75
CA ASP A 176 1.18 -5.88 -0.81
C ASP A 176 0.88 -4.51 -1.42
N SER A 177 0.79 -4.42 -2.75
CA SER A 177 0.47 -3.17 -3.43
C SER A 177 -0.68 -2.44 -2.79
N GLY A 178 -0.54 -1.13 -2.69
CA GLY A 178 -1.61 -0.28 -2.19
C GLY A 178 -1.66 -0.16 -0.68
N GLY A 179 -0.93 -1.03 0.02
CA GLY A 179 -0.86 -0.97 1.46
C GLY A 179 0.10 0.09 1.96
N PRO A 180 0.14 0.29 3.28
CA PRO A 180 0.79 1.43 3.90
C PRO A 180 2.28 1.27 4.17
N LEU A 181 2.98 2.38 4.04
N LEU A 181 2.99 2.38 4.05
CA LEU A 181 4.31 2.55 4.60
CA LEU A 181 4.33 2.53 4.61
C LEU A 181 4.18 3.72 5.58
C LEU A 181 4.27 3.72 5.57
N ILE A 182 4.52 3.44 6.84
CA ILE A 182 4.29 4.37 7.94
CA ILE A 182 4.31 4.41 7.91
C ILE A 182 5.64 4.87 8.48
N CYS A 183 5.87 6.17 8.42
CA CYS A 183 7.07 6.78 8.99
C CYS A 183 6.64 7.78 10.05
N ASN A 184 7.26 7.71 11.22
CA ASN A 184 6.95 8.62 12.33
C ASN A 184 5.48 8.54 12.73
N GLY A 185 4.85 7.40 12.47
CA GLY A 185 3.45 7.21 12.80
C GLY A 185 2.47 7.74 11.77
N TYR A 186 2.98 8.38 10.72
CA TYR A 186 2.15 8.94 9.66
C TYR A 186 2.18 8.06 8.42
N LEU A 187 1.12 8.09 7.62
CA LEU A 187 1.14 7.40 6.34
C LEU A 187 2.03 8.16 5.36
N GLN A 188 3.18 7.58 5.05
CA GLN A 188 4.19 8.20 4.20
C GLN A 188 4.09 7.73 2.76
N GLY A 189 3.78 6.45 2.57
CA GLY A 189 3.77 5.89 1.24
C GLY A 189 2.74 4.81 1.06
N LEU A 190 2.55 4.43 -0.20
CA LEU A 190 1.82 3.22 -0.57
C LEU A 190 2.78 2.29 -1.30
N VAL A 191 2.64 0.99 -1.06
CA VAL A 191 3.41 0.01 -1.82
C VAL A 191 3.06 0.15 -3.30
N SER A 192 4.07 0.34 -4.15
CA SER A 192 3.83 0.53 -5.58
C SER A 192 4.49 -0.54 -6.46
N PHE A 193 5.82 -0.53 -6.55
CA PHE A 193 6.49 -1.47 -7.45
C PHE A 193 7.92 -1.74 -7.00
N GLY A 194 8.60 -2.59 -7.75
CA GLY A 194 10.01 -2.82 -7.54
C GLY A 194 10.57 -3.58 -8.72
N LYS A 195 11.84 -3.96 -8.61
CA LYS A 195 12.45 -4.84 -9.58
C LYS A 195 12.26 -6.26 -9.10
N ALA A 196 11.75 -7.12 -9.97
CA ALA A 196 11.57 -8.52 -9.59
C ALA A 196 12.93 -9.22 -9.60
N PRO A 197 13.20 -10.04 -8.58
CA PRO A 197 12.37 -10.38 -7.43
C PRO A 197 12.45 -9.40 -6.28
N CYS A 198 11.41 -9.40 -5.45
CA CYS A 198 11.40 -8.65 -4.22
C CYS A 198 12.48 -9.19 -3.29
N GLY A 199 13.01 -8.32 -2.44
CA GLY A 199 13.95 -8.73 -1.43
C GLY A 199 15.41 -8.74 -1.85
N GLN A 200 15.72 -8.16 -3.01
CA GLN A 200 17.12 -8.10 -3.45
C GLN A 200 17.92 -7.12 -2.61
N VAL A 201 19.08 -7.56 -2.13
CA VAL A 201 19.99 -6.66 -1.42
C VAL A 201 20.43 -5.55 -2.37
N GLY A 202 20.34 -4.30 -1.91
CA GLY A 202 20.75 -3.16 -2.68
C GLY A 202 19.75 -2.66 -3.71
N VAL A 203 18.57 -3.27 -3.74
CA VAL A 203 17.54 -2.87 -4.69
C VAL A 203 16.22 -2.57 -3.97
N PRO A 204 16.14 -1.37 -3.35
CA PRO A 204 14.92 -1.03 -2.62
C PRO A 204 13.67 -1.03 -3.51
N GLY A 205 12.54 -1.27 -2.87
CA GLY A 205 11.25 -1.11 -3.51
C GLY A 205 10.84 0.35 -3.60
N VAL A 206 9.82 0.60 -4.42
CA VAL A 206 9.35 1.95 -4.67
C VAL A 206 7.93 2.12 -4.13
N TYR A 207 7.70 3.28 -3.54
CA TYR A 207 6.48 3.62 -2.85
C TYR A 207 5.94 4.94 -3.38
N THR A 208 4.62 5.09 -3.38
CA THR A 208 3.98 6.34 -3.80
C THR A 208 4.28 7.40 -2.75
N ASN A 209 4.76 8.55 -3.22
CA ASN A 209 5.26 9.60 -2.33
C ASN A 209 4.11 10.53 -1.92
N LEU A 210 3.40 10.13 -0.88
CA LEU A 210 2.14 10.77 -0.52
C LEU A 210 2.25 12.22 -0.09
N CYS A 211 3.42 12.66 0.37
CA CYS A 211 3.58 14.06 0.73
C CYS A 211 3.32 14.99 -0.46
N LYS A 212 3.39 14.45 -1.67
CA LYS A 212 3.17 15.24 -2.88
C LYS A 212 1.68 15.37 -3.24
N PHE A 213 0.83 14.64 -2.53
CA PHE A 213 -0.57 14.48 -2.95
C PHE A 213 -1.61 14.85 -1.90
N THR A 214 -1.18 15.40 -0.77
CA THR A 214 -2.13 15.69 0.30
C THR A 214 -3.24 16.65 -0.15
N GLU A 215 -2.90 17.63 -0.99
CA GLU A 215 -3.90 18.57 -1.47
CA GLU A 215 -3.89 18.58 -1.48
C GLU A 215 -4.87 17.91 -2.45
N TRP A 216 -4.35 17.12 -3.39
CA TRP A 216 -5.19 16.40 -4.33
C TRP A 216 -6.15 15.45 -3.60
N ILE A 217 -5.64 14.79 -2.57
CA ILE A 217 -6.47 13.87 -1.80
C ILE A 217 -7.64 14.61 -1.15
N GLU A 218 -7.35 15.71 -0.46
CA GLU A 218 -8.43 16.39 0.24
C GLU A 218 -9.37 17.10 -0.74
N LYS A 219 -8.85 17.59 -1.86
CA LYS A 219 -9.69 18.14 -2.91
C LYS A 219 -10.72 17.11 -3.36
N THR A 220 -10.25 15.89 -3.59
CA THR A 220 -11.11 14.80 -4.05
C THR A 220 -12.16 14.45 -3.00
N VAL A 221 -11.72 14.34 -1.75
CA VAL A 221 -12.61 14.02 -0.64
C VAL A 221 -13.70 15.07 -0.45
N GLN A 222 -13.35 16.33 -0.65
CA GLN A 222 -14.29 17.42 -0.39
C GLN A 222 -15.24 17.71 -1.56
N ALA A 223 -14.87 17.24 -2.75
CA ALA A 223 -15.67 17.49 -3.94
C ALA A 223 -16.66 16.35 -4.18
N GLY B 1 11.35 -5.35 -16.21
CA GLY B 1 11.40 -6.00 -14.92
C GLY B 1 10.83 -5.17 -13.79
N ARG B 2 10.32 -3.98 -14.11
CA ARG B 2 9.68 -3.13 -13.12
C ARG B 2 8.24 -3.61 -12.98
N CYS B 3 7.97 -4.32 -11.91
CA CYS B 3 6.67 -4.94 -11.71
C CYS B 3 6.00 -4.39 -10.49
N THR B 4 4.72 -4.08 -10.65
CA THR B 4 3.91 -3.71 -9.49
C THR B 4 3.73 -4.91 -8.57
N LYS B 5 3.31 -4.63 -7.35
CA LYS B 5 3.18 -5.65 -6.31
C LYS B 5 1.72 -6.04 -6.07
N SER B 6 0.95 -6.08 -7.16
CA SER B 6 -0.42 -6.56 -7.14
C SER B 6 -0.44 -8.06 -7.44
N ILE B 7 -1.61 -8.67 -7.35
CA ILE B 7 -1.81 -10.05 -7.79
C ILE B 7 -2.85 -10.05 -8.91
N PRO B 8 -2.44 -10.31 -10.16
CA PRO B 8 -1.05 -10.55 -10.56
C PRO B 8 -0.26 -9.24 -10.67
N PRO B 9 1.08 -9.35 -10.63
CA PRO B 9 1.90 -8.17 -10.85
C PRO B 9 1.68 -7.62 -12.26
N ILE B 10 1.73 -6.30 -12.40
CA ILE B 10 1.71 -5.67 -13.70
C ILE B 10 3.16 -5.30 -14.00
N CYS B 11 3.71 -5.92 -15.02
CA CYS B 11 5.13 -5.77 -15.31
C CYS B 11 5.36 -4.86 -16.51
N PHE B 12 6.15 -3.82 -16.27
CA PHE B 12 6.48 -2.82 -17.27
C PHE B 12 7.90 -3.05 -17.79
N ASP B 14 11.63 -3.97 -18.49
CA ASP B 14 12.88 -4.24 -17.78
C ASP B 14 12.61 -4.73 -16.35
#